data_8OWF
#
_entry.id   8OWF
#
_cell.length_a   50.436
_cell.length_b   108.498
_cell.length_c   111.407
_cell.angle_alpha   90.000
_cell.angle_beta   90.000
_cell.angle_gamma   90.000
#
_symmetry.space_group_name_H-M   'P 21 21 21'
#
loop_
_entity.id
_entity.type
_entity.pdbx_description
1 polymer Chitodextrinase
2 branched 2-amino-2-deoxy-beta-D-glucopyranose-(1-4)-2-amino-2-deoxy-beta-D-glucopyranose-(1-4)-2-amino-2-deoxy-beta-D-glucopyranose-(1-4)-2-amino-2-deoxy-beta-D-glucopyranose-(1-4)-2-amino-2-deoxy-beta-D-glucopyranose-(1-4)-2-amino-2-deoxy-beta-D-glucopyranose
3 non-polymer 'CHLORIDE ION'
4 non-polymer 'DIMETHYL SULFOXIDE'
5 water water
#
_entity_poly.entity_id   1
_entity_poly.type   'polypeptide(L)'
_entity_poly.pdbx_seq_one_letter_code
;MGSSELNRKLVGYFPEWAYSSEAQGYFNVTDLQWDSLTHIQYSFAMVDPSTNKITLSNKHAAIEEDFSEFDLNYNGKKIE
LDPSLPYKGHFNVLQTMKKNYPDVSLLISVGGWTGTRCFYTMIDTDNRINTFADSCVDFIRKYGFDGVDIDFEYPSSTSQ
SGNPDDFDLSEPRRTKLNERYNILIKTLREKIDMASKEDGKEYLLTAAVTASPWVLGGISDNTYAKYLDFLSIMSYDYHG
GWNEYVEHLAGIYPNKEDRETVTQIMPTLCMDWAYRYYRGVLPAEKILMGIPYYTRGWENVQGGINGLHGSSKTPASGKY
NILGDDLNNDGVLEPAGANPLWHVLNLMEQDPNLKVYWDEISKVPYVWQNDKKVFVSFENEKSIDARLEYIQNKNLGGAL
IWVMNGDYGLNPNYVEGSNKINEGKYTFGDTLTKRLSQGLKKMGVCNKTPDDLNISLEPINVDVKFNGKYDHPNYTYSID
ITNYTDKEIKGGWNVSFDLPKSAVFKSSWGGTYSVTDNGDFNTITLTSGAWQNIAPNSTITVQGMIGLCFSGIRNVTFNG
MNPIGNDKSHHHHHH
;
_entity_poly.pdbx_strand_id   A
#
# COMPACT_ATOMS: atom_id res chain seq x y z
N SER A 4 -10.34 -20.41 2.07
CA SER A 4 -10.53 -19.14 2.75
C SER A 4 -9.56 -18.06 2.26
N GLU A 5 -8.32 -18.46 1.99
CA GLU A 5 -7.31 -17.46 1.64
C GLU A 5 -7.50 -16.87 0.26
N LEU A 6 -8.25 -17.54 -0.63
CA LEU A 6 -8.53 -17.01 -1.97
C LEU A 6 -9.76 -16.10 -2.00
N ASN A 7 -10.45 -15.94 -0.88
CA ASN A 7 -11.59 -15.04 -0.83
C ASN A 7 -11.13 -13.61 -1.11
N ARG A 8 -11.97 -12.84 -1.80
CA ARG A 8 -11.68 -11.42 -1.98
C ARG A 8 -11.74 -10.70 -0.64
N LYS A 9 -10.88 -9.70 -0.52
CA LYS A 9 -10.73 -8.95 0.72
C LYS A 9 -11.09 -7.48 0.47
N LEU A 10 -11.76 -6.88 1.43
CA LEU A 10 -12.07 -5.46 1.41
C LEU A 10 -11.68 -4.94 2.79
N VAL A 11 -10.53 -4.26 2.83
CA VAL A 11 -9.82 -3.94 4.07
C VAL A 11 -9.95 -2.44 4.30
N GLY A 12 -10.50 -2.04 5.45
CA GLY A 12 -10.73 -0.63 5.69
C GLY A 12 -9.95 -0.10 6.89
N TYR A 13 -9.29 1.04 6.73
CA TYR A 13 -8.58 1.67 7.84
C TYR A 13 -9.53 2.52 8.67
N PHE A 14 -9.56 2.24 9.96
CA PHE A 14 -10.37 3.01 10.92
C PHE A 14 -9.53 4.10 11.56
N PRO A 15 -9.93 5.38 11.46
CA PRO A 15 -9.16 6.46 12.07
C PRO A 15 -9.49 6.71 13.55
N GLU A 16 -8.54 6.43 14.44
CA GLU A 16 -8.74 6.64 15.88
C GLU A 16 -9.14 8.07 16.22
N TRP A 17 -8.64 9.04 15.45
CA TRP A 17 -8.76 10.47 15.75
C TRP A 17 -10.07 11.08 15.26
N ALA A 18 -10.87 10.36 14.49
CA ALA A 18 -11.98 11.02 13.81
C ALA A 18 -13.16 11.35 14.72
N TYR A 19 -13.35 10.60 15.81
CA TYR A 19 -14.62 10.67 16.51
C TYR A 19 -14.85 12.01 17.19
N SER A 20 -13.79 12.76 17.47
CA SER A 20 -13.87 14.01 18.19
C SER A 20 -13.59 15.22 17.31
N SER A 21 -13.50 15.02 15.99
CA SER A 21 -13.08 16.07 15.06
C SER A 21 -14.21 16.45 14.11
N GLU A 22 -14.48 17.76 14.02
CA GLU A 22 -15.52 18.25 13.13
C GLU A 22 -15.21 17.92 11.67
N ALA A 23 -13.98 18.17 11.23
CA ALA A 23 -13.65 17.93 9.83
C ALA A 23 -13.73 16.47 9.46
N GLN A 24 -13.59 15.57 10.43
CA GLN A 24 -13.64 14.13 10.18
C GLN A 24 -15.05 13.58 10.34
N GLY A 25 -16.03 14.43 10.64
CA GLY A 25 -17.40 14.01 10.75
C GLY A 25 -17.77 13.34 12.04
N TYR A 26 -16.88 13.34 13.04
CA TYR A 26 -17.13 12.64 14.30
C TYR A 26 -17.38 11.15 14.10
N PHE A 27 -16.68 10.56 13.14
CA PHE A 27 -16.85 9.15 12.77
C PHE A 27 -16.31 8.26 13.87
N ASN A 28 -17.13 7.29 14.33
CA ASN A 28 -16.70 6.35 15.36
C ASN A 28 -16.92 4.90 14.89
N VAL A 29 -16.63 3.95 15.77
CA VAL A 29 -16.64 2.54 15.36
C VAL A 29 -18.01 2.10 14.86
N THR A 30 -19.09 2.66 15.43
CA THR A 30 -20.42 2.26 14.98
C THR A 30 -20.77 2.82 13.60
N ASP A 31 -19.95 3.71 13.06
CA ASP A 31 -20.10 4.22 11.70
C ASP A 31 -19.34 3.38 10.68
N LEU A 32 -18.56 2.42 11.13
CA LEU A 32 -17.86 1.56 10.18
C LEU A 32 -18.85 0.74 9.35
N GLN A 33 -18.39 0.39 8.16
CA GLN A 33 -19.18 -0.31 7.15
C GLN A 33 -19.08 -1.82 7.39
N TRP A 34 -19.61 -2.23 8.55
CA TRP A 34 -19.42 -3.59 9.06
C TRP A 34 -19.99 -4.65 8.14
N ASP A 35 -21.06 -4.33 7.40
CA ASP A 35 -21.66 -5.27 6.48
C ASP A 35 -20.88 -5.46 5.20
N SER A 36 -19.90 -4.60 4.91
CA SER A 36 -19.18 -4.64 3.64
C SER A 36 -17.71 -4.97 3.78
N LEU A 37 -17.06 -4.56 4.86
CA LEU A 37 -15.65 -4.82 5.06
C LEU A 37 -15.43 -6.28 5.48
N THR A 38 -14.32 -6.87 5.01
CA THR A 38 -13.86 -8.15 5.51
C THR A 38 -12.82 -8.01 6.60
N HIS A 39 -12.09 -6.89 6.63
CA HIS A 39 -11.04 -6.64 7.61
C HIS A 39 -11.08 -5.16 7.96
N ILE A 40 -10.81 -4.87 9.23
CA ILE A 40 -10.68 -3.50 9.73
C ILE A 40 -9.28 -3.36 10.30
N GLN A 41 -8.53 -2.37 9.82
CA GLN A 41 -7.21 -2.03 10.31
C GLN A 41 -7.33 -0.81 11.21
N TYR A 42 -7.04 -0.97 12.49
CA TYR A 42 -7.14 0.15 13.42
C TYR A 42 -5.91 1.04 13.28
N SER A 43 -6.11 2.31 12.93
CA SER A 43 -5.03 3.27 12.72
C SER A 43 -5.03 4.25 13.89
N PHE A 44 -3.96 4.24 14.69
CA PHE A 44 -2.73 3.46 14.58
C PHE A 44 -2.07 3.33 15.93
N ALA A 45 -1.29 2.27 16.09
CA ALA A 45 -0.35 2.14 17.20
C ALA A 45 1.05 2.54 16.73
N MET A 46 1.95 2.64 17.70
CA MET A 46 3.33 3.06 17.45
C MET A 46 4.26 2.15 18.23
N VAL A 47 5.55 2.45 18.17
CA VAL A 47 6.58 1.80 18.98
C VAL A 47 6.99 2.76 20.09
N ASP A 48 7.11 2.25 21.30
CA ASP A 48 7.53 3.10 22.42
C ASP A 48 9.03 3.42 22.33
N PRO A 49 9.42 4.68 22.54
CA PRO A 49 10.85 5.04 22.40
C PRO A 49 11.76 4.42 23.43
N SER A 50 11.24 4.07 24.61
CA SER A 50 12.08 3.57 25.70
C SER A 50 11.96 2.07 25.92
N THR A 51 10.80 1.46 25.67
CA THR A 51 10.62 0.03 25.90
C THR A 51 10.65 -0.79 24.61
N ASN A 52 10.52 -0.16 23.45
CA ASN A 52 10.47 -0.84 22.17
C ASN A 52 9.24 -1.72 22.00
N LYS A 53 8.22 -1.53 22.82
CA LYS A 53 7.00 -2.30 22.73
C LYS A 53 5.94 -1.51 21.96
N ILE A 54 4.99 -2.25 21.37
CA ILE A 54 3.83 -1.59 20.78
C ILE A 54 3.14 -0.72 21.83
N THR A 55 2.68 0.44 21.40
CA THR A 55 2.05 1.38 22.31
C THR A 55 0.95 2.13 21.57
N LEU A 56 -0.06 2.56 22.32
CA LEU A 56 -1.16 3.30 21.76
C LEU A 56 -0.76 4.74 21.46
N SER A 57 -1.39 5.31 20.43
CA SER A 57 -1.20 6.73 20.12
C SER A 57 -2.09 7.56 21.02
N ASN A 58 -3.39 7.51 20.82
CA ASN A 58 -4.35 8.17 21.70
C ASN A 58 -4.93 7.08 22.60
N LYS A 59 -4.26 6.87 23.74
CA LYS A 59 -4.71 5.84 24.68
C LYS A 59 -6.14 6.09 25.12
N HIS A 60 -6.49 7.36 25.37
CA HIS A 60 -7.85 7.66 25.81
C HIS A 60 -8.87 7.16 24.79
N ALA A 61 -8.69 7.54 23.53
CA ALA A 61 -9.63 7.10 22.50
C ALA A 61 -9.70 5.58 22.40
N ALA A 62 -8.54 4.91 22.50
CA ALA A 62 -8.50 3.48 22.24
C ALA A 62 -9.17 2.67 23.35
N ILE A 63 -8.94 3.04 24.62
CA ILE A 63 -9.33 2.14 25.71
C ILE A 63 -10.02 2.82 26.89
N GLU A 64 -10.24 4.14 26.84
CA GLU A 64 -10.82 4.84 27.99
C GLU A 64 -12.12 5.58 27.70
N GLU A 65 -12.28 6.11 26.49
CA GLU A 65 -13.43 6.93 26.15
C GLU A 65 -14.73 6.16 26.35
N ASP A 66 -15.68 6.78 27.05
CA ASP A 66 -17.00 6.18 27.27
C ASP A 66 -18.05 6.64 26.28
N PHE A 67 -17.75 7.63 25.43
CA PHE A 67 -18.64 8.10 24.37
C PHE A 67 -19.94 8.69 24.90
N SER A 68 -19.92 9.19 26.14
CA SER A 68 -21.13 9.73 26.73
C SER A 68 -21.63 10.94 25.97
N GLU A 69 -20.74 11.72 25.35
CA GLU A 69 -21.13 12.89 24.58
C GLU A 69 -21.26 12.59 23.09
N PHE A 70 -21.15 11.32 22.69
CA PHE A 70 -21.22 10.93 21.30
C PHE A 70 -22.34 9.91 21.12
N ASP A 71 -22.62 9.63 19.84
CA ASP A 71 -23.74 8.79 19.43
C ASP A 71 -23.19 7.45 18.97
N LEU A 72 -23.39 6.41 19.77
CA LEU A 72 -23.08 5.04 19.39
C LEU A 72 -24.39 4.38 18.99
N ASN A 73 -24.57 4.20 17.69
CA ASN A 73 -25.79 3.64 17.14
C ASN A 73 -25.41 2.89 15.88
N TYR A 74 -25.93 1.68 15.72
CA TYR A 74 -25.71 0.89 14.51
C TYR A 74 -27.07 0.46 13.99
N ASN A 75 -27.27 0.62 12.68
CA ASN A 75 -28.61 0.53 12.11
C ASN A 75 -29.50 1.52 12.85
N GLY A 76 -30.44 1.03 13.65
CA GLY A 76 -31.31 1.90 14.41
C GLY A 76 -31.13 1.78 15.90
N LYS A 77 -30.47 0.72 16.35
CA LYS A 77 -30.39 0.39 17.77
C LYS A 77 -29.19 1.08 18.43
N LYS A 78 -29.41 1.59 19.64
CA LYS A 78 -28.33 2.17 20.41
C LYS A 78 -27.34 1.08 20.80
N ILE A 79 -26.05 1.38 20.64
CA ILE A 79 -24.98 0.46 21.01
C ILE A 79 -24.41 0.93 22.34
N GLU A 80 -24.39 0.04 23.32
CA GLU A 80 -23.75 0.30 24.59
C GLU A 80 -22.41 -0.40 24.65
N LEU A 81 -21.47 0.20 25.37
CA LEU A 81 -20.22 -0.49 25.64
C LEU A 81 -20.51 -1.74 26.44
N ASP A 82 -19.72 -2.78 26.20
CA ASP A 82 -19.82 -4.01 26.96
C ASP A 82 -19.24 -3.77 28.34
N PRO A 83 -20.04 -3.78 29.41
CA PRO A 83 -19.50 -3.50 30.74
C PRO A 83 -18.68 -4.64 31.33
N SER A 84 -18.64 -5.80 30.68
CA SER A 84 -17.87 -6.93 31.20
C SER A 84 -16.43 -6.92 30.72
N LEU A 85 -16.07 -6.01 29.77
CA LEU A 85 -14.69 -5.91 29.33
C LEU A 85 -13.92 -4.97 30.24
N PRO A 86 -12.61 -5.21 30.43
CA PRO A 86 -11.80 -4.38 31.33
C PRO A 86 -11.26 -3.12 30.68
N TYR A 87 -11.81 -2.72 29.54
CA TYR A 87 -11.42 -1.48 28.88
C TYR A 87 -12.66 -0.91 28.22
N LYS A 88 -12.60 0.38 27.91
CA LYS A 88 -13.66 1.06 27.17
C LYS A 88 -13.10 1.48 25.82
N GLY A 89 -13.40 2.69 25.36
CA GLY A 89 -12.80 3.19 24.13
C GLY A 89 -13.26 2.49 22.88
N HIS A 90 -12.58 2.86 21.77
CA HIS A 90 -12.86 2.23 20.50
C HIS A 90 -12.73 0.73 20.59
N PHE A 91 -11.76 0.25 21.38
CA PHE A 91 -11.51 -1.19 21.43
C PHE A 91 -12.72 -1.94 21.99
N ASN A 92 -13.37 -1.38 23.00
CA ASN A 92 -14.60 -1.98 23.51
C ASN A 92 -15.65 -2.05 22.42
N VAL A 93 -15.86 -0.94 21.71
CA VAL A 93 -16.91 -0.91 20.69
C VAL A 93 -16.59 -1.93 19.60
N LEU A 94 -15.30 -2.04 19.21
CA LEU A 94 -14.92 -3.04 18.21
C LEU A 94 -15.30 -4.45 18.65
N GLN A 95 -14.95 -4.81 19.88
CA GLN A 95 -15.27 -6.16 20.37
C GLN A 95 -16.77 -6.37 20.46
N THR A 96 -17.49 -5.33 20.85
CA THR A 96 -18.94 -5.44 20.95
C THR A 96 -19.56 -5.65 19.57
N MET A 97 -19.12 -4.88 18.56
CA MET A 97 -19.63 -5.08 17.21
C MET A 97 -19.21 -6.43 16.66
N LYS A 98 -18.00 -6.88 16.99
CA LYS A 98 -17.48 -8.15 16.48
C LYS A 98 -18.40 -9.31 16.87
N LYS A 99 -19.13 -9.18 17.97
CA LYS A 99 -20.04 -10.27 18.36
C LYS A 99 -21.08 -10.52 17.28
N ASN A 100 -21.56 -9.46 16.63
CA ASN A 100 -22.54 -9.58 15.56
C ASN A 100 -21.90 -9.74 14.19
N TYR A 101 -20.60 -9.49 14.06
CA TYR A 101 -19.85 -9.62 12.81
C TYR A 101 -18.63 -10.50 13.06
N PRO A 102 -18.82 -11.76 13.44
CA PRO A 102 -17.69 -12.58 13.88
C PRO A 102 -16.67 -12.86 12.78
N ASP A 103 -17.04 -12.73 11.51
CA ASP A 103 -16.13 -13.04 10.41
C ASP A 103 -15.40 -11.81 9.89
N VAL A 104 -15.58 -10.64 10.49
CA VAL A 104 -14.78 -9.46 10.15
C VAL A 104 -13.52 -9.52 10.99
N SER A 105 -12.37 -9.54 10.32
CA SER A 105 -11.09 -9.60 11.03
C SER A 105 -10.67 -8.21 11.48
N LEU A 106 -10.15 -8.11 12.70
CA LEU A 106 -9.65 -6.85 13.26
C LEU A 106 -8.14 -6.93 13.39
N LEU A 107 -7.44 -5.93 12.86
CA LEU A 107 -5.99 -5.90 12.98
C LEU A 107 -5.57 -4.55 13.55
N ILE A 108 -4.47 -4.57 14.30
CA ILE A 108 -3.87 -3.33 14.79
C ILE A 108 -2.80 -2.92 13.80
N SER A 109 -2.90 -1.70 13.28
CA SER A 109 -1.92 -1.17 12.33
C SER A 109 -0.90 -0.33 13.09
N VAL A 110 0.37 -0.67 12.93
CA VAL A 110 1.48 -0.03 13.64
C VAL A 110 2.28 0.77 12.62
N GLY A 111 2.40 2.07 12.86
CA GLY A 111 3.14 2.93 11.97
C GLY A 111 2.34 4.08 11.40
N GLY A 112 2.40 4.21 10.09
CA GLY A 112 1.83 5.35 9.39
C GLY A 112 2.82 6.50 9.28
N TRP A 113 2.37 7.56 8.62
CA TRP A 113 3.25 8.70 8.34
C TRP A 113 3.83 9.29 9.62
N THR A 114 3.02 9.38 10.68
CA THR A 114 3.41 10.03 11.93
C THR A 114 3.69 9.03 13.04
N GLY A 115 3.66 7.73 12.74
CA GLY A 115 3.89 6.70 13.74
C GLY A 115 5.04 5.77 13.44
N THR A 116 5.90 6.16 12.49
CA THR A 116 7.05 5.33 12.12
C THR A 116 8.28 5.62 12.97
N ARG A 117 8.34 6.77 13.64
CA ARG A 117 9.60 7.24 14.21
C ARG A 117 10.35 6.16 14.99
N CYS A 118 9.71 5.51 15.94
CA CYS A 118 10.48 4.64 16.82
C CYS A 118 10.70 3.25 16.23
N PHE A 119 10.15 2.94 15.06
CA PHE A 119 10.63 1.76 14.33
C PHE A 119 12.13 1.84 14.11
N TYR A 120 12.66 3.05 13.87
CA TYR A 120 14.05 3.17 13.47
C TYR A 120 14.99 2.69 14.57
N THR A 121 14.70 3.02 15.82
CA THR A 121 15.54 2.56 16.92
C THR A 121 15.21 1.13 17.32
N MET A 122 13.96 0.72 17.17
CA MET A 122 13.58 -0.64 17.54
C MET A 122 14.27 -1.68 16.64
N ILE A 123 14.46 -1.37 15.36
CA ILE A 123 15.07 -2.36 14.47
C ILE A 123 16.58 -2.46 14.64
N ASP A 124 17.18 -1.63 15.50
CA ASP A 124 18.65 -1.60 15.60
C ASP A 124 19.23 -2.92 16.09
N THR A 125 18.52 -3.67 16.93
CA THR A 125 19.04 -4.92 17.46
C THR A 125 17.99 -6.02 17.41
N ASP A 126 18.48 -7.26 17.37
CA ASP A 126 17.58 -8.41 17.35
C ASP A 126 16.78 -8.51 18.66
N ASN A 127 17.40 -8.19 19.80
CA ASN A 127 16.66 -8.26 21.05
C ASN A 127 15.50 -7.28 21.06
N ARG A 128 15.69 -6.08 20.49
CA ARG A 128 14.61 -5.10 20.45
C ARG A 128 13.50 -5.56 19.51
N ILE A 129 13.87 -6.16 18.38
CA ILE A 129 12.85 -6.71 17.48
C ILE A 129 12.06 -7.82 18.15
N ASN A 130 12.75 -8.70 18.88
CA ASN A 130 12.08 -9.76 19.61
C ASN A 130 11.14 -9.20 20.65
N THR A 131 11.59 -8.19 21.40
CA THR A 131 10.74 -7.52 22.38
C THR A 131 9.49 -6.94 21.72
N PHE A 132 9.68 -6.25 20.60
CA PHE A 132 8.54 -5.67 19.91
C PHE A 132 7.57 -6.76 19.44
N ALA A 133 8.09 -7.80 18.80
CA ALA A 133 7.22 -8.84 18.26
C ALA A 133 6.45 -9.53 19.38
N ASP A 134 7.12 -9.86 20.48
CA ASP A 134 6.43 -10.44 21.62
C ASP A 134 5.35 -9.49 22.14
N SER A 135 5.64 -8.20 22.18
CA SER A 135 4.65 -7.24 22.66
C SER A 135 3.43 -7.18 21.76
N CYS A 136 3.60 -7.40 20.45
CA CYS A 136 2.46 -7.43 19.54
C CYS A 136 1.57 -8.63 19.83
N VAL A 137 2.17 -9.78 20.09
CA VAL A 137 1.40 -10.96 20.48
C VAL A 137 0.62 -10.69 21.77
N ASP A 138 1.30 -10.12 22.77
CA ASP A 138 0.60 -9.82 24.02
C ASP A 138 -0.58 -8.88 23.76
N PHE A 139 -0.38 -7.89 22.89
CA PHE A 139 -1.38 -6.85 22.66
C PHE A 139 -2.61 -7.40 21.95
N ILE A 140 -2.41 -8.21 20.90
CA ILE A 140 -3.56 -8.75 20.19
C ILE A 140 -4.36 -9.71 21.08
N ARG A 141 -3.69 -10.47 21.94
CA ARG A 141 -4.41 -11.30 22.90
C ARG A 141 -5.20 -10.44 23.89
N LYS A 142 -4.59 -9.39 24.41
CA LYS A 142 -5.22 -8.57 25.44
C LYS A 142 -6.48 -7.88 24.93
N TYR A 143 -6.44 -7.41 23.68
CA TYR A 143 -7.48 -6.54 23.15
C TYR A 143 -8.32 -7.20 22.07
N GLY A 144 -8.16 -8.51 21.88
CA GLY A 144 -9.05 -9.24 20.99
C GLY A 144 -8.84 -8.94 19.51
N PHE A 145 -7.60 -8.66 19.10
CA PHE A 145 -7.31 -8.45 17.70
C PHE A 145 -6.95 -9.78 17.03
N ASP A 146 -7.19 -9.84 15.72
CA ASP A 146 -6.91 -11.00 14.91
C ASP A 146 -5.56 -10.95 14.22
N GLY A 147 -4.84 -9.84 14.32
CA GLY A 147 -3.56 -9.76 13.65
C GLY A 147 -2.95 -8.39 13.76
N VAL A 148 -1.82 -8.25 13.07
CA VAL A 148 -0.97 -7.07 13.09
C VAL A 148 -0.72 -6.64 11.66
N ASP A 149 -0.83 -5.33 11.39
CA ASP A 149 -0.50 -4.73 10.12
C ASP A 149 0.67 -3.79 10.35
N ILE A 150 1.73 -3.94 9.58
CA ILE A 150 2.92 -3.09 9.70
C ILE A 150 2.90 -2.06 8.58
N ASP A 151 2.93 -0.78 8.96
CA ASP A 151 2.90 0.35 8.04
C ASP A 151 4.12 1.23 8.31
N PHE A 152 5.30 0.69 8.01
CA PHE A 152 6.58 1.39 8.23
C PHE A 152 6.83 2.29 7.03
N GLU A 153 6.87 3.60 7.25
CA GLU A 153 7.00 4.58 6.15
C GLU A 153 8.32 5.34 6.27
N TYR A 154 9.42 4.80 5.71
CA TYR A 154 9.57 3.63 4.85
C TYR A 154 10.90 2.94 5.13
N PRO A 155 10.95 1.63 4.99
CA PRO A 155 12.19 0.88 5.23
C PRO A 155 13.07 0.86 3.99
N SER A 156 13.46 2.05 3.55
CA SER A 156 14.14 2.25 2.28
C SER A 156 15.43 3.03 2.48
N SER A 157 16.44 2.72 1.66
CA SER A 157 17.66 3.51 1.68
C SER A 157 17.51 4.85 0.98
N THR A 158 16.39 5.13 0.34
CA THR A 158 16.24 6.38 -0.41
C THR A 158 16.33 7.57 0.53
N SER A 159 17.35 8.39 0.33
CA SER A 159 17.56 9.52 1.21
C SER A 159 16.36 10.46 1.18
N GLN A 160 15.97 10.93 2.36
CA GLN A 160 14.94 11.94 2.54
C GLN A 160 13.54 11.44 2.22
N SER A 161 13.34 10.14 2.24
CA SER A 161 12.01 9.55 2.12
C SER A 161 11.38 9.43 3.52
N GLY A 162 10.05 9.38 3.54
CA GLY A 162 9.34 9.32 4.80
C GLY A 162 9.25 10.69 5.45
N ASN A 163 8.71 10.70 6.66
CA ASN A 163 8.42 11.94 7.37
C ASN A 163 9.70 12.71 7.67
N PRO A 164 9.83 13.97 7.24
CA PRO A 164 11.06 14.72 7.53
C PRO A 164 11.33 14.89 9.00
N ASP A 165 10.30 14.83 9.84
CA ASP A 165 10.52 14.94 11.27
C ASP A 165 11.42 13.83 11.80
N ASP A 166 11.55 12.73 11.06
CA ASP A 166 12.31 11.57 11.52
C ASP A 166 13.66 11.42 10.84
N PHE A 167 14.09 12.40 10.04
CA PHE A 167 15.38 12.27 9.36
C PHE A 167 16.53 12.05 10.33
N ASP A 168 16.45 12.60 11.53
CA ASP A 168 17.50 12.40 12.53
C ASP A 168 17.69 10.92 12.87
N LEU A 169 16.67 10.09 12.69
CA LEU A 169 16.78 8.65 12.91
C LEU A 169 16.88 7.85 11.60
N SER A 170 16.18 8.27 10.55
CA SER A 170 16.20 7.47 9.33
C SER A 170 17.47 7.68 8.52
N GLU A 171 17.98 8.90 8.46
CA GLU A 171 19.11 9.19 7.60
C GLU A 171 20.37 8.44 8.02
N PRO A 172 20.72 8.33 9.31
CA PRO A 172 21.90 7.54 9.67
C PRO A 172 21.75 6.06 9.43
N ARG A 173 20.53 5.58 9.17
CA ARG A 173 20.25 4.15 9.09
C ARG A 173 19.95 3.67 7.68
N ARG A 174 20.03 4.53 6.67
CA ARG A 174 19.53 4.18 5.35
C ARG A 174 20.11 2.89 4.80
N THR A 175 21.41 2.65 4.99
CA THR A 175 22.02 1.49 4.35
C THR A 175 21.51 0.17 4.88
N LYS A 176 20.98 0.12 6.12
CA LYS A 176 20.54 -1.13 6.72
C LYS A 176 19.04 -1.28 6.85
N LEU A 177 18.24 -0.27 6.56
CA LEU A 177 16.81 -0.32 6.89
C LEU A 177 16.13 -1.51 6.23
N ASN A 178 16.41 -1.76 4.95
CA ASN A 178 15.70 -2.82 4.25
C ASN A 178 16.04 -4.19 4.84
N GLU A 179 17.32 -4.43 5.14
CA GLU A 179 17.71 -5.68 5.77
C GLU A 179 17.05 -5.86 7.11
N ARG A 180 17.09 -4.82 7.95
CA ARG A 180 16.50 -4.94 9.29
C ARG A 180 14.99 -5.07 9.24
N TYR A 181 14.34 -4.42 8.28
CA TYR A 181 12.90 -4.59 8.10
C TYR A 181 12.56 -6.02 7.73
N ASN A 182 13.36 -6.64 6.84
CA ASN A 182 13.12 -8.04 6.52
C ASN A 182 13.19 -8.92 7.76
N ILE A 183 14.14 -8.67 8.64
CA ILE A 183 14.25 -9.43 9.89
C ILE A 183 13.03 -9.17 10.77
N LEU A 184 12.58 -7.92 10.83
CA LEU A 184 11.40 -7.58 11.62
C LEU A 184 10.19 -8.37 11.17
N ILE A 185 9.90 -8.37 9.87
CA ILE A 185 8.71 -9.05 9.37
C ILE A 185 8.80 -10.55 9.61
N LYS A 186 9.96 -11.14 9.33
CA LYS A 186 10.13 -12.57 9.54
C LYS A 186 9.94 -12.94 11.01
N THR A 187 10.49 -12.13 11.92
CA THR A 187 10.35 -12.41 13.35
C THR A 187 8.90 -12.28 13.79
N LEU A 188 8.19 -11.24 13.31
CA LEU A 188 6.78 -11.12 13.62
C LEU A 188 6.01 -12.36 13.17
N ARG A 189 6.26 -12.82 11.95
CA ARG A 189 5.58 -14.02 11.48
C ARG A 189 5.86 -15.21 12.39
N GLU A 190 7.12 -15.40 12.80
CA GLU A 190 7.44 -16.54 13.64
C GLU A 190 6.70 -16.47 14.97
N LYS A 191 6.69 -15.30 15.60
CA LYS A 191 6.04 -15.18 16.90
C LYS A 191 4.53 -15.29 16.77
N ILE A 192 3.96 -14.70 15.72
CA ILE A 192 2.52 -14.73 15.54
C ILE A 192 2.05 -16.15 15.24
N ASP A 193 2.80 -16.90 14.44
CA ASP A 193 2.42 -18.27 14.15
C ASP A 193 2.44 -19.15 15.40
N MET A 194 3.41 -18.93 16.29
N MET A 194 3.43 -18.94 16.27
CA MET A 194 3.44 -19.74 17.50
CA MET A 194 3.48 -19.69 17.52
C MET A 194 2.28 -19.37 18.42
C MET A 194 2.26 -19.37 18.38
N ALA A 195 1.91 -18.08 18.46
CA ALA A 195 0.74 -17.68 19.25
C ALA A 195 -0.54 -18.29 18.68
N SER A 196 -0.64 -18.37 17.36
CA SER A 196 -1.79 -19.00 16.72
C SER A 196 -1.93 -20.44 17.18
N LYS A 197 -0.83 -21.19 17.14
CA LYS A 197 -0.88 -22.59 17.58
C LYS A 197 -1.28 -22.68 19.05
N GLU A 198 -0.67 -21.82 19.90
CA GLU A 198 -0.97 -21.87 21.33
C GLU A 198 -2.44 -21.55 21.60
N ASP A 199 -3.02 -20.62 20.85
CA ASP A 199 -4.36 -20.13 21.14
C ASP A 199 -5.45 -20.83 20.34
N GLY A 200 -5.10 -21.66 19.36
CA GLY A 200 -6.11 -22.26 18.51
C GLY A 200 -6.82 -21.25 17.63
N LYS A 201 -6.10 -20.23 17.17
CA LYS A 201 -6.65 -19.11 16.43
C LYS A 201 -5.70 -18.83 15.27
N GLU A 202 -6.22 -18.33 14.16
CA GLU A 202 -5.38 -18.05 12.99
C GLU A 202 -5.10 -16.55 12.91
N TYR A 203 -4.01 -16.13 13.52
CA TYR A 203 -3.66 -14.71 13.55
C TYR A 203 -3.00 -14.32 12.24
N LEU A 204 -3.18 -13.06 11.86
CA LEU A 204 -2.70 -12.53 10.59
C LEU A 204 -1.55 -11.56 10.79
N LEU A 205 -0.74 -11.45 9.74
CA LEU A 205 0.32 -10.45 9.64
C LEU A 205 0.26 -9.87 8.23
N THR A 206 0.05 -8.56 8.14
CA THR A 206 -0.08 -7.88 6.86
C THR A 206 0.83 -6.66 6.86
N ALA A 207 0.98 -6.05 5.69
CA ALA A 207 1.75 -4.82 5.61
C ALA A 207 1.17 -3.93 4.53
N ALA A 208 1.19 -2.62 4.81
CA ALA A 208 0.91 -1.59 3.82
C ALA A 208 2.24 -1.07 3.30
N VAL A 209 2.40 -1.06 1.98
CA VAL A 209 3.70 -0.87 1.36
C VAL A 209 3.64 0.23 0.30
N THR A 210 4.80 0.84 0.07
CA THR A 210 4.92 1.91 -0.90
C THR A 210 4.65 1.44 -2.33
N ALA A 211 4.07 2.34 -3.11
CA ALA A 211 3.94 2.21 -4.55
C ALA A 211 4.87 3.16 -5.29
N SER A 212 5.74 3.86 -4.57
CA SER A 212 6.56 4.92 -5.18
C SER A 212 7.84 4.37 -5.79
N PRO A 213 8.10 4.57 -7.08
CA PRO A 213 9.38 4.13 -7.63
C PRO A 213 10.56 4.78 -6.96
N TRP A 214 10.40 6.01 -6.48
CA TRP A 214 11.48 6.72 -5.79
C TRP A 214 11.85 5.99 -4.51
N VAL A 215 10.85 5.65 -3.70
CA VAL A 215 11.12 4.89 -2.47
C VAL A 215 11.60 3.48 -2.80
N LEU A 216 10.97 2.81 -3.78
CA LEU A 216 11.33 1.44 -4.09
C LEU A 216 12.74 1.30 -4.66
N GLY A 217 13.28 2.36 -5.27
CA GLY A 217 14.66 2.32 -5.72
C GLY A 217 15.64 2.04 -4.61
N GLY A 218 15.28 2.34 -3.37
CA GLY A 218 16.08 2.08 -2.20
C GLY A 218 15.71 0.82 -1.44
N ILE A 219 14.94 -0.06 -2.07
N ILE A 219 14.91 -0.04 -2.06
CA ILE A 219 14.56 -1.33 -1.49
CA ILE A 219 14.47 -1.29 -1.44
C ILE A 219 15.16 -2.43 -2.35
C ILE A 219 15.02 -2.43 -2.29
N SER A 220 16.04 -3.25 -1.76
N SER A 220 15.96 -3.20 -1.73
CA SER A 220 16.78 -4.26 -2.51
CA SER A 220 16.58 -4.29 -2.46
C SER A 220 16.33 -5.69 -2.23
C SER A 220 15.84 -5.62 -2.25
N ASP A 221 15.50 -5.91 -1.21
N ASP A 221 15.63 -6.00 -1.00
CA ASP A 221 15.07 -7.24 -0.82
CA ASP A 221 15.07 -7.31 -0.68
C ASP A 221 13.59 -7.17 -0.42
C ASP A 221 13.57 -7.16 -0.39
N ASN A 222 12.73 -7.81 -1.21
CA ASN A 222 11.30 -7.86 -0.95
C ASN A 222 10.87 -9.26 -0.47
N THR A 223 11.80 -10.05 0.07
CA THR A 223 11.48 -11.37 0.59
C THR A 223 10.41 -11.30 1.65
N TYR A 224 10.36 -10.21 2.42
CA TYR A 224 9.39 -10.08 3.50
C TYR A 224 7.97 -10.34 3.03
N ALA A 225 7.68 -10.05 1.76
CA ALA A 225 6.32 -10.17 1.26
C ALA A 225 5.79 -11.59 1.41
N LYS A 226 6.66 -12.60 1.34
CA LYS A 226 6.24 -13.98 1.42
C LYS A 226 5.75 -14.37 2.81
N TYR A 227 6.01 -13.53 3.82
CA TYR A 227 5.59 -13.79 5.19
C TYR A 227 4.27 -13.12 5.53
N LEU A 228 3.64 -12.45 4.57
CA LEU A 228 2.41 -11.72 4.80
C LEU A 228 1.19 -12.51 4.34
N ASP A 229 0.07 -12.33 5.04
CA ASP A 229 -1.18 -12.87 4.55
C ASP A 229 -1.65 -12.13 3.32
N PHE A 230 -1.41 -10.82 3.27
CA PHE A 230 -1.61 -10.03 2.07
C PHE A 230 -0.74 -8.79 2.16
N LEU A 231 -0.47 -8.22 0.98
CA LEU A 231 0.35 -7.03 0.81
C LEU A 231 -0.53 -5.93 0.24
N SER A 232 -0.64 -4.82 0.96
CA SER A 232 -1.55 -3.72 0.63
C SER A 232 -0.74 -2.63 -0.06
N ILE A 233 -0.95 -2.47 -1.36
CA ILE A 233 -0.24 -1.43 -2.11
C ILE A 233 -0.91 -0.09 -1.85
N MET A 234 -0.13 0.87 -1.37
CA MET A 234 -0.63 2.23 -1.13
C MET A 234 -0.62 3.01 -2.44
N SER A 235 -1.53 2.61 -3.33
CA SER A 235 -1.64 3.19 -4.68
C SER A 235 -2.45 4.48 -4.67
N TYR A 236 -1.93 5.43 -3.91
CA TYR A 236 -2.50 6.76 -3.76
C TYR A 236 -1.36 7.66 -3.28
N ASP A 237 -1.65 8.95 -3.10
CA ASP A 237 -0.58 9.93 -2.87
C ASP A 237 0.44 9.94 -4.00
N TYR A 238 0.00 9.63 -5.22
CA TYR A 238 0.92 9.68 -6.34
C TYR A 238 1.24 11.11 -6.72
N HIS A 239 0.32 12.02 -6.43
CA HIS A 239 0.38 13.41 -6.84
C HIS A 239 -0.31 14.23 -5.76
N GLY A 240 0.12 15.48 -5.62
CA GLY A 240 -0.39 16.33 -4.57
C GLY A 240 0.41 17.61 -4.47
N GLY A 241 0.09 18.39 -3.44
CA GLY A 241 0.55 19.76 -3.33
C GLY A 241 2.03 19.95 -3.07
N TRP A 242 2.77 18.86 -2.87
CA TRP A 242 4.22 18.96 -2.72
C TRP A 242 4.91 19.38 -4.00
N ASN A 243 4.26 19.29 -5.16
CA ASN A 243 4.86 19.76 -6.40
C ASN A 243 3.78 20.38 -7.30
N GLU A 244 4.21 20.81 -8.48
CA GLU A 244 3.39 21.60 -9.37
C GLU A 244 2.54 20.79 -10.34
N TYR A 245 2.69 19.47 -10.37
CA TYR A 245 2.08 18.65 -11.41
C TYR A 245 0.63 18.32 -11.05
N VAL A 246 -0.30 18.99 -11.72
CA VAL A 246 -1.72 18.79 -11.48
C VAL A 246 -2.12 17.50 -12.19
N GLU A 247 -2.25 16.43 -11.42
CA GLU A 247 -2.33 15.06 -11.91
C GLU A 247 -3.11 14.26 -10.87
N HIS A 248 -3.45 13.01 -11.22
CA HIS A 248 -4.34 12.20 -10.40
C HIS A 248 -3.67 11.67 -9.14
N LEU A 249 -4.43 11.70 -8.05
CA LEU A 249 -3.99 11.15 -6.78
C LEU A 249 -3.73 9.66 -6.86
N ALA A 250 -4.54 8.94 -7.63
CA ALA A 250 -4.66 7.49 -7.49
C ALA A 250 -5.07 6.81 -8.80
N GLY A 251 -4.43 7.17 -9.89
CA GLY A 251 -4.76 6.56 -11.17
C GLY A 251 -4.54 5.05 -11.15
N ILE A 252 -5.33 4.36 -11.97
CA ILE A 252 -5.22 2.91 -12.07
C ILE A 252 -4.21 2.50 -13.14
N TYR A 253 -4.35 3.04 -14.34
CA TYR A 253 -3.57 2.61 -15.49
C TYR A 253 -2.50 3.63 -15.85
N PRO A 254 -1.45 3.20 -16.56
CA PRO A 254 -0.39 4.13 -16.94
C PRO A 254 -0.91 5.18 -17.90
N ASN A 255 -0.51 6.43 -17.66
CA ASN A 255 -0.98 7.58 -18.42
C ASN A 255 0.22 8.32 -18.98
N LYS A 256 0.43 8.20 -20.30
CA LYS A 256 1.56 8.85 -20.96
C LYS A 256 1.50 10.37 -20.90
N GLU A 257 0.36 10.93 -20.52
CA GLU A 257 0.20 12.37 -20.37
C GLU A 257 0.47 12.87 -18.96
N ASP A 258 0.77 11.99 -18.01
CA ASP A 258 1.17 12.42 -16.67
C ASP A 258 2.47 13.21 -16.80
N ARG A 259 2.42 14.52 -16.58
CA ARG A 259 3.57 15.35 -16.91
C ARG A 259 4.77 15.04 -16.03
N GLU A 260 4.55 14.48 -14.84
CA GLU A 260 5.67 14.21 -13.95
C GLU A 260 6.55 13.09 -14.47
N THR A 261 6.03 12.19 -15.31
CA THR A 261 6.78 11.03 -15.78
C THR A 261 6.87 10.96 -17.29
N VAL A 262 6.56 12.05 -17.98
CA VAL A 262 6.40 12.02 -19.42
C VAL A 262 7.68 11.62 -20.14
N THR A 263 8.84 11.83 -19.53
CA THR A 263 10.10 11.45 -20.15
C THR A 263 10.66 10.12 -19.67
N GLN A 264 10.03 9.48 -18.67
CA GLN A 264 10.54 8.22 -18.15
C GLN A 264 10.22 7.07 -19.10
N ILE A 265 10.84 5.91 -18.87
CA ILE A 265 10.65 4.85 -19.85
C ILE A 265 9.21 4.34 -19.88
N MET A 266 8.49 4.44 -18.76
CA MET A 266 7.06 4.16 -18.75
C MET A 266 6.43 4.98 -17.63
N PRO A 267 5.11 5.19 -17.68
CA PRO A 267 4.45 5.91 -16.57
C PRO A 267 4.31 5.02 -15.34
N THR A 268 4.82 5.51 -14.22
CA THR A 268 4.94 4.69 -13.01
C THR A 268 3.95 5.06 -11.91
N LEU A 269 3.31 6.22 -11.99
CA LEU A 269 2.53 6.71 -10.87
C LEU A 269 1.05 6.31 -11.01
N CYS A 270 0.85 5.00 -10.97
CA CYS A 270 -0.46 4.37 -11.14
C CYS A 270 -0.39 2.99 -10.50
N MET A 271 -1.56 2.51 -10.05
N MET A 271 -1.56 2.50 -10.11
CA MET A 271 -1.62 1.20 -9.39
CA MET A 271 -1.60 1.24 -9.37
C MET A 271 -0.97 0.13 -10.23
C MET A 271 -1.09 0.07 -10.20
N ASP A 272 -1.26 0.12 -11.53
CA ASP A 272 -0.86 -0.99 -12.37
C ASP A 272 0.65 -1.14 -12.43
N TRP A 273 1.41 -0.03 -12.35
CA TRP A 273 2.87 -0.17 -12.31
C TRP A 273 3.32 -0.86 -11.03
N ALA A 274 2.75 -0.48 -9.88
CA ALA A 274 3.09 -1.13 -8.63
C ALA A 274 2.68 -2.60 -8.62
N TYR A 275 1.52 -2.91 -9.22
CA TYR A 275 1.12 -4.30 -9.37
C TYR A 275 2.21 -5.09 -10.07
N ARG A 276 2.66 -4.59 -11.23
CA ARG A 276 3.72 -5.28 -11.95
C ARG A 276 4.99 -5.39 -11.12
N TYR A 277 5.34 -4.31 -10.41
CA TYR A 277 6.53 -4.34 -9.55
C TYR A 277 6.46 -5.50 -8.57
N TYR A 278 5.35 -5.63 -7.84
CA TYR A 278 5.25 -6.61 -6.76
C TYR A 278 4.99 -8.02 -7.26
N ARG A 279 4.61 -8.22 -8.52
CA ARG A 279 4.46 -9.56 -9.06
C ARG A 279 5.78 -10.33 -9.07
N GLY A 280 6.92 -9.64 -8.95
CA GLY A 280 8.19 -10.32 -8.80
C GLY A 280 8.27 -11.21 -7.58
N VAL A 281 7.51 -10.90 -6.53
CA VAL A 281 7.59 -11.65 -5.27
C VAL A 281 6.27 -12.25 -4.80
N LEU A 282 5.13 -11.84 -5.36
CA LEU A 282 3.84 -12.35 -4.91
C LEU A 282 2.92 -12.67 -6.07
N PRO A 283 2.02 -13.64 -5.89
CA PRO A 283 0.90 -13.81 -6.83
C PRO A 283 -0.13 -12.71 -6.63
N ALA A 284 -0.89 -12.46 -7.69
CA ALA A 284 -1.90 -11.39 -7.67
C ALA A 284 -2.86 -11.54 -6.49
N GLU A 285 -3.23 -12.78 -6.16
CA GLU A 285 -4.25 -12.99 -5.15
C GLU A 285 -3.80 -12.60 -3.75
N LYS A 286 -2.51 -12.34 -3.56
CA LYS A 286 -1.99 -11.83 -2.30
C LYS A 286 -1.79 -10.32 -2.29
N ILE A 287 -2.13 -9.63 -3.39
CA ILE A 287 -1.90 -8.20 -3.55
C ILE A 287 -3.25 -7.48 -3.50
N LEU A 288 -3.32 -6.40 -2.71
CA LEU A 288 -4.49 -5.55 -2.65
C LEU A 288 -4.24 -4.19 -3.29
N MET A 289 -5.24 -3.68 -4.00
CA MET A 289 -5.24 -2.32 -4.51
C MET A 289 -5.64 -1.32 -3.43
N GLY A 290 -4.87 -0.23 -3.33
CA GLY A 290 -5.20 0.85 -2.42
C GLY A 290 -6.13 1.86 -3.07
N ILE A 291 -7.19 2.21 -2.36
CA ILE A 291 -8.24 3.10 -2.84
C ILE A 291 -8.35 4.26 -1.86
N PRO A 292 -8.30 5.51 -2.33
CA PRO A 292 -8.47 6.65 -1.44
C PRO A 292 -9.92 7.09 -1.34
N TYR A 293 -10.36 7.43 -0.13
CA TYR A 293 -11.60 8.17 0.09
C TYR A 293 -11.29 9.61 0.56
N TYR A 294 -10.16 10.13 0.12
CA TYR A 294 -9.77 11.51 0.37
C TYR A 294 -9.23 12.06 -0.95
N THR A 295 -9.03 13.37 -0.97
CA THR A 295 -8.58 14.09 -2.16
C THR A 295 -7.28 14.84 -1.88
N ARG A 296 -6.62 15.24 -2.96
CA ARG A 296 -5.65 16.31 -2.95
C ARG A 296 -5.93 17.23 -4.13
N GLY A 297 -5.42 18.45 -4.08
CA GLY A 297 -5.76 19.38 -5.14
C GLY A 297 -5.01 20.69 -5.07
N TRP A 298 -5.25 21.51 -6.09
CA TRP A 298 -4.51 22.74 -6.34
C TRP A 298 -5.49 23.83 -6.72
N GLU A 299 -5.10 25.08 -6.44
CA GLU A 299 -5.84 26.24 -6.92
C GLU A 299 -4.93 27.10 -7.79
N ASN A 300 -5.56 28.06 -8.47
N ASN A 300 -5.52 28.07 -8.49
CA ASN A 300 -4.87 28.91 -9.44
CA ASN A 300 -4.78 28.91 -9.42
C ASN A 300 -4.09 28.05 -10.45
C ASN A 300 -4.11 28.09 -10.52
N VAL A 301 -4.73 26.99 -10.94
CA VAL A 301 -4.10 26.10 -11.90
C VAL A 301 -3.92 26.82 -13.24
N GLN A 302 -2.72 26.69 -13.81
CA GLN A 302 -2.38 27.24 -15.10
C GLN A 302 -2.35 26.12 -16.14
N GLY A 303 -2.87 26.40 -17.33
CA GLY A 303 -2.84 25.43 -18.39
C GLY A 303 -3.69 24.21 -18.09
N GLY A 304 -3.32 23.11 -18.73
CA GLY A 304 -4.08 21.86 -18.62
C GLY A 304 -5.38 21.95 -19.40
N ILE A 305 -6.17 20.89 -19.29
CA ILE A 305 -7.54 20.86 -19.81
C ILE A 305 -8.44 20.44 -18.66
N ASN A 306 -9.37 21.31 -18.30
CA ASN A 306 -10.14 21.13 -17.07
C ASN A 306 -9.20 20.93 -15.90
N GLY A 307 -8.08 21.66 -15.93
CA GLY A 307 -7.06 21.62 -14.90
C GLY A 307 -6.06 20.49 -15.07
N LEU A 308 -6.54 19.33 -15.51
CA LEU A 308 -5.69 18.15 -15.58
C LEU A 308 -4.50 18.39 -16.50
N HIS A 309 -3.32 18.00 -16.04
CA HIS A 309 -2.04 18.18 -16.74
C HIS A 309 -1.58 19.63 -16.73
N GLY A 310 -2.20 20.48 -15.91
CA GLY A 310 -1.76 21.84 -15.70
C GLY A 310 -0.69 21.91 -14.63
N SER A 311 -0.42 23.15 -14.20
CA SER A 311 0.61 23.42 -13.21
C SER A 311 0.07 24.36 -12.14
N SER A 312 0.53 24.16 -10.91
CA SER A 312 0.17 25.10 -9.85
C SER A 312 1.17 25.01 -8.71
N LYS A 313 1.59 26.16 -8.23
CA LYS A 313 2.45 26.26 -7.05
C LYS A 313 1.68 26.49 -5.77
N THR A 314 0.34 26.44 -5.83
N THR A 314 0.35 26.42 -5.83
CA THR A 314 -0.50 26.75 -4.67
CA THR A 314 -0.51 26.73 -4.69
C THR A 314 -1.53 25.64 -4.48
C THR A 314 -1.52 25.62 -4.49
N PRO A 315 -1.31 24.74 -3.51
CA PRO A 315 -2.32 23.71 -3.23
C PRO A 315 -3.63 24.36 -2.81
N ALA A 316 -4.73 23.65 -3.02
CA ALA A 316 -6.03 24.24 -2.76
C ALA A 316 -6.25 24.46 -1.27
N SER A 317 -6.89 25.59 -0.94
CA SER A 317 -7.04 26.06 0.44
C SER A 317 -8.50 26.31 0.77
N GLY A 318 -8.74 26.73 2.01
CA GLY A 318 -10.08 27.16 2.39
C GLY A 318 -11.07 26.02 2.37
N LYS A 319 -12.24 26.26 1.78
CA LYS A 319 -13.29 25.26 1.73
C LYS A 319 -12.89 24.04 0.90
N TYR A 320 -11.81 24.14 0.14
CA TYR A 320 -11.29 23.02 -0.64
C TYR A 320 -10.25 22.21 0.12
N ASN A 321 -10.13 22.40 1.42
CA ASN A 321 -9.04 21.77 2.16
C ASN A 321 -9.43 21.51 3.62
N ILE A 322 -10.60 20.90 3.85
CA ILE A 322 -11.07 20.81 5.23
C ILE A 322 -10.23 19.85 6.06
N LEU A 323 -9.46 18.94 5.44
CA LEU A 323 -8.58 18.03 6.17
C LEU A 323 -7.16 18.54 6.29
N GLY A 324 -6.91 19.80 5.93
CA GLY A 324 -5.56 20.32 6.04
C GLY A 324 -5.04 20.30 7.46
N ASP A 325 -3.72 20.19 7.58
CA ASP A 325 -3.08 20.13 8.90
C ASP A 325 -3.07 21.49 9.57
N ASP A 326 -3.27 21.50 10.89
CA ASP A 326 -3.20 22.72 11.70
C ASP A 326 -1.85 22.73 12.39
N LEU A 327 -0.84 23.23 11.67
CA LEU A 327 0.54 23.04 12.10
C LEU A 327 0.84 23.75 13.41
N ASN A 328 0.13 24.84 13.71
CA ASN A 328 0.41 25.65 14.90
C ASN A 328 -0.85 25.95 15.70
N ASN A 329 -1.93 25.19 15.47
CA ASN A 329 -3.16 25.26 16.26
C ASN A 329 -3.92 26.59 16.11
N ASP A 330 -3.61 27.37 15.07
CA ASP A 330 -4.33 28.61 14.83
C ASP A 330 -5.75 28.37 14.32
N GLY A 331 -6.07 27.17 13.87
CA GLY A 331 -7.15 26.98 12.94
C GLY A 331 -6.77 27.32 11.51
N VAL A 332 -5.54 27.74 11.29
CA VAL A 332 -5.01 28.01 9.96
C VAL A 332 -4.45 26.70 9.42
N LEU A 333 -5.04 26.18 8.36
CA LEU A 333 -4.69 24.87 7.84
C LEU A 333 -3.71 24.98 6.68
N GLU A 334 -2.77 24.05 6.62
CA GLU A 334 -1.78 24.02 5.55
C GLU A 334 -2.42 23.60 4.23
N PRO A 335 -2.33 24.41 3.16
CA PRO A 335 -3.00 24.05 1.90
C PRO A 335 -2.57 22.70 1.33
N ALA A 336 -3.55 21.91 0.91
CA ALA A 336 -3.31 20.58 0.39
C ALA A 336 -4.42 20.08 -0.53
N GLY A 337 -5.51 20.83 -0.64
CA GLY A 337 -6.68 20.33 -1.34
C GLY A 337 -7.25 19.04 -0.78
N ALA A 338 -7.14 18.83 0.52
CA ALA A 338 -7.46 17.55 1.15
C ALA A 338 -8.85 17.58 1.77
N ASN A 339 -9.71 16.66 1.32
CA ASN A 339 -11.11 16.59 1.72
C ASN A 339 -11.56 15.14 1.77
N PRO A 340 -12.55 14.80 2.59
CA PRO A 340 -13.29 13.56 2.41
C PRO A 340 -14.23 13.70 1.21
N LEU A 341 -14.59 12.56 0.61
CA LEU A 341 -15.40 12.60 -0.60
C LEU A 341 -16.74 13.30 -0.37
N TRP A 342 -17.36 13.08 0.79
CA TRP A 342 -18.65 13.68 1.05
C TRP A 342 -18.59 15.20 1.05
N HIS A 343 -17.46 15.77 1.48
CA HIS A 343 -17.37 17.23 1.48
C HIS A 343 -17.32 17.77 0.05
N VAL A 344 -16.60 17.09 -0.84
CA VAL A 344 -16.58 17.52 -2.23
C VAL A 344 -17.98 17.45 -2.85
N LEU A 345 -18.73 16.39 -2.54
CA LEU A 345 -20.12 16.31 -3.01
C LEU A 345 -20.92 17.50 -2.53
N ASN A 346 -20.73 17.89 -1.27
CA ASN A 346 -21.45 19.05 -0.73
C ASN A 346 -21.01 20.35 -1.42
N LEU A 347 -19.71 20.49 -1.70
CA LEU A 347 -19.27 21.67 -2.46
C LEU A 347 -19.95 21.74 -3.82
N MET A 348 -20.16 20.59 -4.46
CA MET A 348 -20.81 20.58 -5.76
C MET A 348 -22.30 20.88 -5.65
N GLU A 349 -22.92 20.53 -4.53
CA GLU A 349 -24.30 20.96 -4.29
C GLU A 349 -24.42 22.46 -4.24
N GLN A 350 -23.38 23.14 -3.73
CA GLN A 350 -23.46 24.58 -3.54
C GLN A 350 -22.94 25.37 -4.72
N ASP A 351 -22.18 24.76 -5.62
CA ASP A 351 -21.54 25.47 -6.73
C ASP A 351 -21.74 24.70 -8.03
N PRO A 352 -22.66 25.14 -8.88
CA PRO A 352 -22.87 24.45 -10.16
C PRO A 352 -21.68 24.48 -11.09
N ASN A 353 -20.68 25.33 -10.83
CA ASN A 353 -19.50 25.40 -11.67
C ASN A 353 -18.33 24.62 -11.10
N LEU A 354 -18.56 23.82 -10.06
CA LEU A 354 -17.61 22.80 -9.62
C LEU A 354 -18.13 21.48 -10.21
N LYS A 355 -17.45 21.01 -11.26
CA LYS A 355 -17.98 19.93 -12.09
C LYS A 355 -17.04 18.72 -12.08
N VAL A 356 -17.66 17.52 -12.21
CA VAL A 356 -16.94 16.25 -12.24
C VAL A 356 -16.66 15.84 -13.68
N TYR A 357 -15.45 15.36 -13.89
CA TYR A 357 -14.97 14.87 -15.17
C TYR A 357 -14.41 13.46 -14.99
N TRP A 358 -14.24 12.77 -16.11
CA TRP A 358 -13.76 11.39 -16.12
C TRP A 358 -12.54 11.29 -17.03
N ASP A 359 -11.49 10.60 -16.55
CA ASP A 359 -10.30 10.33 -17.36
C ASP A 359 -10.35 8.86 -17.77
N GLU A 360 -10.61 8.59 -19.05
CA GLU A 360 -10.75 7.21 -19.48
C GLU A 360 -9.42 6.47 -19.59
N ILE A 361 -8.29 7.18 -19.55
CA ILE A 361 -6.99 6.52 -19.55
C ILE A 361 -6.66 6.03 -18.15
N SER A 362 -6.60 6.95 -17.19
CA SER A 362 -6.29 6.59 -15.81
C SER A 362 -7.45 5.90 -15.13
N LYS A 363 -8.67 6.15 -15.58
CA LYS A 363 -9.90 5.59 -15.03
C LYS A 363 -10.17 6.05 -13.60
N VAL A 364 -9.98 7.35 -13.37
CA VAL A 364 -10.44 8.02 -12.16
C VAL A 364 -11.12 9.32 -12.55
N PRO A 365 -11.97 9.85 -11.69
CA PRO A 365 -12.61 11.14 -11.94
C PRO A 365 -11.83 12.25 -11.26
N TYR A 366 -12.26 13.47 -11.54
CA TYR A 366 -11.67 14.66 -10.93
C TYR A 366 -12.69 15.77 -11.01
N VAL A 367 -12.49 16.79 -10.18
CA VAL A 367 -13.40 17.92 -10.09
C VAL A 367 -12.63 19.19 -10.47
N TRP A 368 -13.29 20.06 -11.23
CA TRP A 368 -12.66 21.26 -11.77
C TRP A 368 -13.63 22.43 -11.66
N GLN A 369 -13.14 23.54 -11.10
CA GLN A 369 -13.86 24.81 -11.01
C GLN A 369 -13.16 25.73 -12.00
N ASN A 370 -13.82 26.01 -13.12
CA ASN A 370 -13.16 26.71 -14.22
C ASN A 370 -12.96 28.19 -13.96
N ASP A 371 -13.70 28.78 -13.01
CA ASP A 371 -13.56 30.20 -12.69
C ASP A 371 -12.46 30.45 -11.66
N LYS A 372 -12.43 29.63 -10.61
CA LYS A 372 -11.40 29.74 -9.59
C LYS A 372 -10.14 28.96 -9.96
N LYS A 373 -10.21 28.15 -11.02
CA LYS A 373 -9.07 27.34 -11.47
C LYS A 373 -8.62 26.37 -10.36
N VAL A 374 -9.58 25.62 -9.82
CA VAL A 374 -9.35 24.67 -8.74
C VAL A 374 -9.56 23.26 -9.27
N PHE A 375 -8.54 22.42 -9.09
CA PHE A 375 -8.60 21.00 -9.44
C PHE A 375 -8.47 20.20 -8.16
N VAL A 376 -9.38 19.24 -7.96
CA VAL A 376 -9.31 18.31 -6.84
C VAL A 376 -9.51 16.90 -7.37
N SER A 377 -8.70 15.96 -6.92
CA SER A 377 -8.91 14.57 -7.29
C SER A 377 -10.25 14.10 -6.73
N PHE A 378 -10.74 12.99 -7.26
CA PHE A 378 -12.02 12.48 -6.79
C PHE A 378 -12.07 10.97 -6.99
N GLU A 379 -13.11 10.37 -6.42
CA GLU A 379 -13.39 8.95 -6.52
C GLU A 379 -14.91 8.83 -6.51
N ASN A 380 -15.48 7.98 -7.37
CA ASN A 380 -16.92 7.90 -7.49
C ASN A 380 -17.33 6.50 -7.96
N GLU A 381 -18.62 6.33 -8.26
CA GLU A 381 -19.10 5.03 -8.69
C GLU A 381 -18.38 4.54 -9.93
N LYS A 382 -18.04 5.45 -10.83
CA LYS A 382 -17.41 5.05 -12.08
C LYS A 382 -15.99 4.54 -11.82
N SER A 383 -15.25 5.18 -10.92
CA SER A 383 -13.91 4.65 -10.63
C SER A 383 -13.98 3.38 -9.81
N ILE A 384 -14.94 3.27 -8.89
CA ILE A 384 -15.12 2.00 -8.19
C ILE A 384 -15.35 0.87 -9.20
N ASP A 385 -16.16 1.13 -10.22
CA ASP A 385 -16.44 0.10 -11.22
C ASP A 385 -15.19 -0.25 -12.01
N ALA A 386 -14.38 0.75 -12.35
CA ALA A 386 -13.12 0.48 -13.04
C ALA A 386 -12.18 -0.30 -12.14
N ARG A 387 -12.18 0.00 -10.84
CA ARG A 387 -11.32 -0.72 -9.92
C ARG A 387 -11.77 -2.17 -9.77
N LEU A 388 -13.08 -2.42 -9.72
CA LEU A 388 -13.59 -3.78 -9.70
C LEU A 388 -13.16 -4.54 -10.95
N GLU A 389 -13.29 -3.91 -12.13
CA GLU A 389 -12.86 -4.57 -13.36
C GLU A 389 -11.39 -4.95 -13.28
N TYR A 390 -10.55 -4.05 -12.77
CA TYR A 390 -9.12 -4.33 -12.65
C TYR A 390 -8.89 -5.49 -11.68
N ILE A 391 -9.58 -5.48 -10.54
CA ILE A 391 -9.41 -6.53 -9.54
C ILE A 391 -9.76 -7.88 -10.13
N GLN A 392 -10.85 -7.96 -10.90
CA GLN A 392 -11.22 -9.22 -11.52
C GLN A 392 -10.23 -9.60 -12.63
N ASN A 393 -9.86 -8.63 -13.46
CA ASN A 393 -9.01 -8.93 -14.62
C ASN A 393 -7.64 -9.43 -14.17
N LYS A 394 -7.12 -8.87 -13.08
CA LYS A 394 -5.77 -9.18 -12.62
C LYS A 394 -5.75 -10.23 -11.52
N ASN A 395 -6.91 -10.73 -11.09
CA ASN A 395 -6.97 -11.72 -10.03
C ASN A 395 -6.44 -11.19 -8.71
N LEU A 396 -6.64 -9.89 -8.44
CA LEU A 396 -6.15 -9.30 -7.20
C LEU A 396 -6.90 -9.86 -6.01
N GLY A 397 -6.23 -9.84 -4.86
CA GLY A 397 -6.87 -10.28 -3.64
C GLY A 397 -8.02 -9.40 -3.19
N GLY A 398 -8.08 -8.16 -3.67
CA GLY A 398 -9.10 -7.23 -3.24
C GLY A 398 -8.51 -5.83 -3.12
N ALA A 399 -8.99 -5.08 -2.12
CA ALA A 399 -8.63 -3.67 -2.01
C ALA A 399 -8.53 -3.30 -0.54
N LEU A 400 -7.73 -2.28 -0.27
CA LEU A 400 -7.71 -1.58 1.00
C LEU A 400 -8.13 -0.14 0.76
N ILE A 401 -8.69 0.48 1.79
CA ILE A 401 -9.26 1.81 1.70
C ILE A 401 -8.65 2.67 2.78
N TRP A 402 -8.12 3.83 2.37
CA TRP A 402 -7.68 4.89 3.27
C TRP A 402 -8.58 6.09 2.98
N VAL A 403 -9.46 6.46 3.88
CA VAL A 403 -9.81 5.97 5.20
C VAL A 403 -11.34 5.96 5.26
N MET A 404 -11.91 5.15 6.16
CA MET A 404 -13.32 4.78 6.02
C MET A 404 -14.29 5.93 6.22
N ASN A 405 -13.90 7.02 6.88
CA ASN A 405 -14.83 8.13 7.10
C ASN A 405 -14.94 9.05 5.89
N GLY A 406 -14.27 8.74 4.78
CA GLY A 406 -14.38 9.51 3.57
C GLY A 406 -15.43 9.05 2.58
N ASP A 407 -15.97 7.85 2.75
CA ASP A 407 -17.10 7.40 1.94
C ASP A 407 -18.30 8.26 2.30
N TYR A 408 -19.37 8.17 1.51
CA TYR A 408 -20.48 9.12 1.64
C TYR A 408 -21.83 8.44 1.75
N GLY A 409 -22.76 9.19 2.35
CA GLY A 409 -24.15 8.83 2.51
C GLY A 409 -24.93 10.07 2.91
N LEU A 410 -26.24 9.93 3.01
CA LEU A 410 -27.09 11.08 3.33
C LEU A 410 -26.89 11.51 4.78
N ASN A 411 -26.95 12.81 5.01
CA ASN A 411 -26.62 13.41 6.30
C ASN A 411 -27.88 13.61 7.14
N PRO A 412 -27.99 12.98 8.32
CA PRO A 412 -29.14 13.28 9.19
C PRO A 412 -29.20 14.73 9.63
N ASN A 413 -28.07 15.41 9.67
CA ASN A 413 -27.97 16.78 10.16
C ASN A 413 -27.96 17.80 9.03
N TYR A 414 -28.47 17.43 7.87
CA TYR A 414 -28.54 18.33 6.73
C TYR A 414 -29.41 19.55 7.04
N VAL A 415 -28.87 20.73 6.74
CA VAL A 415 -29.59 22.00 6.88
C VAL A 415 -29.50 22.69 5.53
N GLU A 416 -30.64 22.83 4.86
CA GLU A 416 -30.66 23.50 3.56
C GLU A 416 -30.01 24.88 3.65
N GLY A 417 -29.13 25.17 2.71
CA GLY A 417 -28.46 26.46 2.64
C GLY A 417 -27.27 26.64 3.55
N SER A 418 -26.97 25.67 4.42
CA SER A 418 -25.89 25.83 5.37
C SER A 418 -24.55 25.53 4.71
N ASN A 419 -23.51 26.23 5.19
CA ASN A 419 -22.13 25.99 4.78
C ASN A 419 -21.31 25.30 5.86
N LYS A 420 -21.93 24.90 6.98
CA LYS A 420 -21.20 24.19 8.01
C LYS A 420 -20.80 22.81 7.50
N ILE A 421 -19.60 22.37 7.90
CA ILE A 421 -19.01 21.15 7.36
C ILE A 421 -19.95 19.97 7.53
N ASN A 422 -20.64 19.88 8.66
CA ASN A 422 -21.48 18.73 8.97
C ASN A 422 -22.97 19.00 8.79
N GLU A 423 -23.33 20.02 8.01
CA GLU A 423 -24.73 20.32 7.71
C GLU A 423 -25.02 20.27 6.22
N GLY A 424 -24.16 19.64 5.42
CA GLY A 424 -24.42 19.48 4.01
C GLY A 424 -25.34 18.29 3.75
N LYS A 425 -25.67 18.13 2.47
CA LYS A 425 -26.56 17.04 2.08
C LYS A 425 -25.96 15.69 2.45
N TYR A 426 -24.64 15.55 2.32
CA TYR A 426 -23.92 14.31 2.54
C TYR A 426 -23.04 14.40 3.77
N THR A 427 -22.87 13.25 4.42
CA THR A 427 -21.84 13.05 5.42
C THR A 427 -21.16 11.72 5.07
N PHE A 428 -20.45 11.13 6.02
CA PHE A 428 -19.91 9.81 5.77
C PHE A 428 -21.05 8.81 5.58
N GLY A 429 -20.71 7.69 4.97
CA GLY A 429 -21.66 6.62 4.73
C GLY A 429 -20.95 5.42 4.14
N ASP A 430 -21.69 4.60 3.39
CA ASP A 430 -21.15 3.35 2.87
C ASP A 430 -21.39 3.18 1.37
N THR A 431 -21.68 4.26 0.64
CA THR A 431 -22.11 4.10 -0.74
C THR A 431 -21.05 3.39 -1.58
N LEU A 432 -19.82 3.90 -1.60
CA LEU A 432 -18.80 3.28 -2.43
C LEU A 432 -18.33 1.95 -1.84
N THR A 433 -18.31 1.83 -0.52
CA THR A 433 -17.82 0.60 0.10
C THR A 433 -18.78 -0.55 -0.15
N LYS A 434 -20.09 -0.29 -0.06
CA LYS A 434 -21.08 -1.32 -0.41
C LYS A 434 -20.97 -1.69 -1.88
N ARG A 435 -20.72 -0.70 -2.75
CA ARG A 435 -20.58 -1.01 -4.18
C ARG A 435 -19.37 -1.92 -4.42
N LEU A 436 -18.26 -1.63 -3.75
CA LEU A 436 -17.08 -2.50 -3.83
C LEU A 436 -17.41 -3.90 -3.33
N SER A 437 -18.06 -4.00 -2.15
CA SER A 437 -18.37 -5.29 -1.56
C SER A 437 -19.25 -6.11 -2.50
N GLN A 438 -20.28 -5.49 -3.08
CA GLN A 438 -21.15 -6.21 -3.99
C GLN A 438 -20.39 -6.71 -5.20
N GLY A 439 -19.49 -5.89 -5.74
CA GLY A 439 -18.74 -6.30 -6.91
C GLY A 439 -17.75 -7.42 -6.59
N LEU A 440 -17.16 -7.38 -5.40
CA LEU A 440 -16.22 -8.43 -5.01
C LEU A 440 -16.95 -9.75 -4.80
N LYS A 441 -18.18 -9.71 -4.27
CA LYS A 441 -19.00 -10.91 -4.17
C LYS A 441 -19.34 -11.45 -5.55
N LYS A 442 -19.73 -10.57 -6.47
CA LYS A 442 -20.19 -11.02 -7.78
C LYS A 442 -19.09 -11.72 -8.57
N MET A 443 -17.85 -11.23 -8.47
CA MET A 443 -16.79 -11.77 -9.32
C MET A 443 -16.28 -13.13 -8.82
N GLY A 444 -16.57 -13.49 -7.58
CA GLY A 444 -16.16 -14.77 -7.06
C GLY A 444 -14.72 -14.77 -6.56
N VAL A 445 -14.33 -15.92 -5.99
CA VAL A 445 -13.02 -16.06 -5.36
C VAL A 445 -11.90 -15.92 -6.38
N CYS A 446 -10.71 -15.62 -5.88
CA CYS A 446 -9.52 -15.62 -6.72
C CYS A 446 -9.19 -17.02 -7.22
N ASN A 447 -8.53 -17.06 -8.36
CA ASN A 447 -7.85 -18.26 -8.82
C ASN A 447 -6.53 -18.41 -8.08
N LYS A 448 -6.08 -19.66 -7.94
CA LYS A 448 -4.77 -19.93 -7.38
C LYS A 448 -3.74 -19.81 -8.49
N THR A 449 -2.80 -18.89 -8.34
CA THR A 449 -1.77 -18.75 -9.36
C THR A 449 -0.84 -19.96 -9.31
N PRO A 450 -0.54 -20.60 -10.45
CA PRO A 450 0.35 -21.76 -10.43
C PRO A 450 1.75 -21.39 -9.98
N ASP A 451 2.48 -22.40 -9.51
CA ASP A 451 3.89 -22.22 -9.17
C ASP A 451 4.70 -21.88 -10.42
N ASP A 452 5.85 -21.23 -10.19
CA ASP A 452 6.80 -21.01 -11.28
C ASP A 452 7.05 -22.33 -12.01
N LEU A 453 7.13 -22.26 -13.34
CA LEU A 453 7.31 -23.48 -14.15
C LEU A 453 8.66 -24.14 -13.90
N ASN A 454 9.66 -23.38 -13.42
CA ASN A 454 10.99 -23.96 -13.27
C ASN A 454 10.99 -25.12 -12.29
N ILE A 455 10.08 -25.10 -11.31
CA ILE A 455 10.03 -26.17 -10.31
C ILE A 455 9.64 -27.50 -10.93
N SER A 456 8.99 -27.50 -12.08
CA SER A 456 8.58 -28.72 -12.75
C SER A 456 9.63 -29.29 -13.68
N LEU A 457 10.74 -28.60 -13.87
CA LEU A 457 11.79 -29.04 -14.79
C LEU A 457 12.76 -29.98 -14.08
N GLU A 458 13.53 -30.71 -14.88
CA GLU A 458 14.54 -31.57 -14.30
C GLU A 458 15.57 -30.75 -13.53
N PRO A 459 16.05 -31.22 -12.39
CA PRO A 459 17.01 -30.42 -11.62
C PRO A 459 18.43 -30.53 -12.16
N ILE A 460 19.18 -29.43 -11.96
CA ILE A 460 20.62 -29.42 -12.18
C ILE A 460 21.27 -28.73 -10.99
N ASN A 461 22.45 -29.23 -10.61
CA ASN A 461 23.18 -28.71 -9.46
C ASN A 461 24.03 -27.50 -9.87
N VAL A 462 23.32 -26.46 -10.29
CA VAL A 462 23.90 -25.15 -10.57
C VAL A 462 23.17 -24.15 -9.70
N ASP A 463 23.92 -23.20 -9.15
CA ASP A 463 23.36 -22.12 -8.33
C ASP A 463 23.38 -20.82 -9.13
N VAL A 464 22.22 -20.17 -9.24
CA VAL A 464 22.07 -18.90 -9.92
C VAL A 464 21.71 -17.86 -8.87
N LYS A 465 22.58 -16.87 -8.67
CA LYS A 465 22.34 -15.78 -7.73
C LYS A 465 22.25 -14.47 -8.50
N PHE A 466 21.12 -13.78 -8.37
CA PHE A 466 20.88 -12.52 -9.06
C PHE A 466 21.03 -11.39 -8.05
N ASN A 467 21.96 -10.48 -8.32
CA ASN A 467 22.17 -9.29 -7.51
C ASN A 467 22.23 -8.07 -8.43
N GLY A 468 22.37 -6.89 -7.83
CA GLY A 468 22.52 -5.70 -8.65
C GLY A 468 22.50 -4.45 -7.82
N LYS A 469 22.58 -3.33 -8.53
CA LYS A 469 22.61 -2.03 -7.90
C LYS A 469 21.75 -1.08 -8.74
N TYR A 470 20.99 -0.23 -8.07
CA TYR A 470 20.09 0.70 -8.74
C TYR A 470 20.61 2.13 -8.60
N ASP A 471 20.69 2.82 -9.74
CA ASP A 471 21.05 4.24 -9.81
C ASP A 471 20.03 4.81 -10.78
N HIS A 472 18.96 5.38 -10.24
CA HIS A 472 17.77 5.65 -11.02
C HIS A 472 18.15 6.36 -12.32
N PRO A 473 17.66 5.91 -13.48
CA PRO A 473 16.68 4.84 -13.70
C PRO A 473 17.29 3.52 -14.12
N ASN A 474 18.57 3.29 -13.80
CA ASN A 474 19.32 2.14 -14.30
C ASN A 474 19.56 1.12 -13.20
N TYR A 475 19.18 -0.14 -13.47
CA TYR A 475 19.53 -1.26 -12.61
C TYR A 475 20.65 -2.03 -13.31
N THR A 476 21.82 -2.08 -12.67
CA THR A 476 22.95 -2.87 -13.18
C THR A 476 22.94 -4.19 -12.45
N TYR A 477 22.64 -5.26 -13.18
CA TYR A 477 22.56 -6.58 -12.58
C TYR A 477 23.90 -7.32 -12.70
N SER A 478 24.13 -8.20 -11.73
CA SER A 478 25.25 -9.12 -11.71
C SER A 478 24.69 -10.47 -11.30
N ILE A 479 24.87 -11.46 -12.15
CA ILE A 479 24.39 -12.82 -11.91
C ILE A 479 25.61 -13.70 -11.73
N ASP A 480 25.72 -14.34 -10.56
CA ASP A 480 26.76 -15.31 -10.28
C ASP A 480 26.21 -16.71 -10.54
N ILE A 481 26.89 -17.47 -11.41
CA ILE A 481 26.50 -18.82 -11.77
C ILE A 481 27.59 -19.75 -11.26
N THR A 482 27.25 -20.64 -10.33
CA THR A 482 28.21 -21.57 -9.74
C THR A 482 27.87 -22.99 -10.17
N ASN A 483 28.86 -23.67 -10.74
CA ASN A 483 28.70 -25.05 -11.21
C ASN A 483 29.02 -25.99 -10.06
N TYR A 484 28.00 -26.67 -9.55
CA TYR A 484 28.19 -27.66 -8.49
C TYR A 484 28.11 -29.10 -9.02
N THR A 485 28.07 -29.29 -10.33
CA THR A 485 28.16 -30.62 -10.89
C THR A 485 29.64 -31.03 -10.97
N ASP A 486 29.89 -32.27 -11.38
CA ASP A 486 31.24 -32.80 -11.46
C ASP A 486 31.83 -32.71 -12.86
N LYS A 487 31.15 -32.06 -13.80
CA LYS A 487 31.64 -31.89 -15.16
C LYS A 487 31.54 -30.42 -15.57
N GLU A 488 32.52 -29.97 -16.35
CA GLU A 488 32.51 -28.61 -16.85
C GLU A 488 31.25 -28.37 -17.68
N ILE A 489 30.65 -27.19 -17.50
CA ILE A 489 29.53 -26.76 -18.32
C ILE A 489 30.11 -25.92 -19.46
N LYS A 490 29.91 -26.37 -20.69
CA LYS A 490 30.52 -25.72 -21.85
C LYS A 490 29.91 -24.34 -22.09
N GLY A 491 30.73 -23.47 -22.67
CA GLY A 491 30.23 -22.18 -23.10
C GLY A 491 29.08 -22.33 -24.08
N GLY A 492 28.21 -21.33 -24.08
CA GLY A 492 26.98 -21.39 -24.83
C GLY A 492 25.80 -21.82 -24.00
N TRP A 493 26.00 -22.09 -22.72
CA TRP A 493 24.88 -22.29 -21.81
C TRP A 493 24.02 -21.04 -21.78
N ASN A 494 22.79 -21.20 -21.31
CA ASN A 494 21.87 -20.09 -21.19
C ASN A 494 21.20 -20.10 -19.83
N VAL A 495 20.91 -18.91 -19.33
CA VAL A 495 20.12 -18.74 -18.12
C VAL A 495 18.93 -17.88 -18.48
N SER A 496 17.77 -18.20 -17.92
CA SER A 496 16.59 -17.40 -18.13
C SER A 496 16.03 -16.98 -16.78
N PHE A 497 15.34 -15.85 -16.79
CA PHE A 497 14.63 -15.39 -15.61
C PHE A 497 13.47 -14.52 -16.06
N ASP A 498 12.44 -14.45 -15.23
CA ASP A 498 11.27 -13.63 -15.52
C ASP A 498 11.39 -12.30 -14.80
N LEU A 499 11.38 -11.23 -15.58
CA LEU A 499 11.59 -9.87 -15.11
C LEU A 499 10.25 -9.16 -15.10
N PRO A 500 9.77 -8.70 -13.95
CA PRO A 500 8.48 -7.99 -13.93
C PRO A 500 8.43 -6.85 -14.94
N LYS A 501 7.22 -6.62 -15.46
CA LYS A 501 6.98 -5.57 -16.44
C LYS A 501 6.94 -4.17 -15.85
N SER A 502 7.31 -4.00 -14.57
CA SER A 502 7.64 -2.68 -14.05
C SER A 502 8.98 -2.18 -14.61
N ALA A 503 9.77 -3.04 -15.24
CA ALA A 503 11.11 -2.76 -15.72
C ALA A 503 11.26 -3.26 -17.15
N VAL A 504 12.29 -2.76 -17.84
CA VAL A 504 12.55 -3.10 -19.25
C VAL A 504 14.00 -3.55 -19.38
N PHE A 505 14.21 -4.77 -19.87
CA PHE A 505 15.57 -5.23 -20.10
C PHE A 505 16.23 -4.38 -21.18
N LYS A 506 17.44 -3.89 -20.92
CA LYS A 506 18.13 -3.01 -21.86
C LYS A 506 19.31 -3.65 -22.59
N SER A 507 20.19 -4.36 -21.88
CA SER A 507 21.34 -4.93 -22.56
C SER A 507 22.00 -5.98 -21.67
N SER A 508 22.55 -7.00 -22.30
CA SER A 508 23.46 -7.94 -21.66
C SER A 508 24.87 -7.55 -22.05
N TRP A 509 25.78 -7.57 -21.08
CA TRP A 509 27.17 -7.18 -21.34
C TRP A 509 28.00 -8.44 -21.54
N GLY A 510 27.81 -9.05 -22.71
CA GLY A 510 28.41 -10.32 -23.05
C GLY A 510 27.40 -11.27 -23.65
N GLY A 511 27.82 -12.07 -24.64
CA GLY A 511 26.89 -13.01 -25.22
C GLY A 511 25.74 -12.33 -25.95
N THR A 512 24.59 -12.99 -25.93
CA THR A 512 23.39 -12.51 -26.62
C THR A 512 22.20 -12.72 -25.71
N TYR A 513 21.05 -12.16 -26.09
CA TYR A 513 19.87 -12.29 -25.26
C TYR A 513 18.61 -12.24 -26.12
N SER A 514 17.52 -12.74 -25.54
CA SER A 514 16.20 -12.64 -26.13
C SER A 514 15.21 -12.24 -25.03
N VAL A 515 14.09 -11.66 -25.46
CA VAL A 515 13.03 -11.21 -24.57
C VAL A 515 11.71 -11.75 -25.11
N THR A 516 10.98 -12.47 -24.26
CA THR A 516 9.73 -13.12 -24.64
C THR A 516 8.63 -12.72 -23.67
N ASP A 517 7.51 -12.25 -24.21
CA ASP A 517 6.39 -11.87 -23.36
C ASP A 517 5.92 -13.06 -22.54
N ASN A 518 5.65 -12.83 -21.26
CA ASN A 518 5.19 -13.92 -20.39
C ASN A 518 4.29 -13.37 -19.29
N GLY A 519 3.10 -12.92 -19.67
CA GLY A 519 2.11 -12.44 -18.73
C GLY A 519 2.50 -11.12 -18.08
N ASP A 520 2.66 -11.14 -16.77
CA ASP A 520 3.11 -9.96 -16.03
C ASP A 520 4.64 -9.80 -16.08
N PHE A 521 5.33 -10.65 -16.83
CA PHE A 521 6.78 -10.65 -16.91
C PHE A 521 7.22 -10.69 -18.36
N ASN A 522 8.49 -10.36 -18.58
CA ASN A 522 9.20 -10.74 -19.79
C ASN A 522 10.25 -11.78 -19.39
N THR A 523 10.27 -12.89 -20.11
CA THR A 523 11.30 -13.90 -19.90
C THR A 523 12.56 -13.45 -20.63
N ILE A 524 13.64 -13.26 -19.87
CA ILE A 524 14.93 -12.85 -20.41
C ILE A 524 15.79 -14.09 -20.49
N THR A 525 16.32 -14.39 -21.66
CA THR A 525 17.20 -15.54 -21.85
C THR A 525 18.56 -15.02 -22.26
N LEU A 526 19.57 -15.29 -21.44
CA LEU A 526 20.93 -14.85 -21.69
C LEU A 526 21.71 -16.08 -22.16
N THR A 527 22.19 -16.04 -23.39
CA THR A 527 23.00 -17.12 -23.95
C THR A 527 24.45 -16.67 -23.96
N SER A 528 25.29 -17.41 -23.25
CA SER A 528 26.69 -17.06 -23.12
C SER A 528 27.47 -17.40 -24.39
N GLY A 529 28.71 -16.96 -24.43
CA GLY A 529 29.59 -17.30 -25.52
C GLY A 529 30.25 -18.65 -25.31
N ALA A 530 30.76 -19.21 -26.42
CA ALA A 530 31.38 -20.53 -26.35
C ALA A 530 32.57 -20.56 -25.41
N TRP A 531 33.20 -19.41 -25.15
CA TRP A 531 34.40 -19.34 -24.32
C TRP A 531 34.09 -19.27 -22.82
N GLN A 532 32.83 -19.08 -22.45
CA GLN A 532 32.46 -18.89 -21.04
C GLN A 532 32.17 -20.23 -20.35
N ASN A 533 33.15 -21.14 -20.41
CA ASN A 533 33.01 -22.41 -19.72
C ASN A 533 33.01 -22.21 -18.21
N ILE A 534 32.23 -23.04 -17.52
CA ILE A 534 32.14 -23.01 -16.07
C ILE A 534 32.74 -24.31 -15.57
N ALA A 535 33.89 -24.21 -14.90
CA ALA A 535 34.54 -25.40 -14.40
C ALA A 535 33.81 -25.91 -13.16
N PRO A 536 33.98 -27.19 -12.84
CA PRO A 536 33.41 -27.71 -11.59
C PRO A 536 33.86 -26.86 -10.39
N ASN A 537 32.93 -26.60 -9.49
CA ASN A 537 33.19 -25.84 -8.27
C ASN A 537 33.60 -24.40 -8.56
N SER A 538 33.37 -23.91 -9.77
CA SER A 538 33.75 -22.56 -10.16
C SER A 538 32.50 -21.70 -10.33
N THR A 539 32.72 -20.40 -10.39
CA THR A 539 31.65 -19.41 -10.53
C THR A 539 32.01 -18.45 -11.65
N ILE A 540 31.03 -18.17 -12.52
CA ILE A 540 31.14 -17.17 -13.56
C ILE A 540 30.10 -16.10 -13.28
N THR A 541 30.42 -14.86 -13.62
CA THR A 541 29.54 -13.71 -13.39
C THR A 541 29.25 -13.01 -14.70
N VAL A 542 27.98 -12.71 -14.95
CA VAL A 542 27.59 -11.92 -16.12
C VAL A 542 26.80 -10.72 -15.63
N GLN A 543 26.87 -9.63 -16.39
CA GLN A 543 26.25 -8.37 -16.00
C GLN A 543 25.46 -7.79 -17.16
N GLY A 544 24.68 -6.78 -16.84
CA GLY A 544 23.92 -6.08 -17.85
C GLY A 544 23.08 -4.99 -17.22
N MET A 545 22.17 -4.45 -18.01
CA MET A 545 21.39 -3.29 -17.62
C MET A 545 19.91 -3.50 -17.83
N ILE A 546 19.14 -3.06 -16.85
CA ILE A 546 17.67 -3.04 -16.88
C ILE A 546 17.23 -1.63 -16.55
N GLY A 547 16.16 -1.17 -17.20
CA GLY A 547 15.59 0.13 -16.91
C GLY A 547 14.46 0.01 -15.92
N LEU A 548 14.49 0.88 -14.91
CA LEU A 548 13.55 0.89 -13.80
C LEU A 548 13.73 -0.31 -12.88
N CYS A 549 12.90 -0.40 -11.85
CA CYS A 549 13.09 -1.36 -10.78
C CYS A 549 11.94 -2.37 -10.73
N PHE A 550 12.12 -3.37 -9.87
CA PHE A 550 11.27 -4.55 -9.83
C PHE A 550 11.50 -5.23 -8.48
N SER A 551 10.46 -5.90 -7.95
CA SER A 551 10.59 -6.40 -6.59
C SER A 551 11.56 -7.56 -6.49
N GLY A 552 11.72 -8.31 -7.56
CA GLY A 552 12.55 -9.50 -7.63
C GLY A 552 12.32 -10.16 -8.97
N ILE A 553 13.10 -11.20 -9.24
CA ILE A 553 12.94 -12.01 -10.44
C ILE A 553 12.41 -13.39 -10.03
N ARG A 554 11.83 -14.09 -11.00
CA ARG A 554 11.29 -15.41 -10.70
C ARG A 554 11.54 -16.37 -11.86
N ASN A 555 11.21 -17.64 -11.61
CA ASN A 555 11.18 -18.65 -12.65
C ASN A 555 12.52 -18.78 -13.35
N VAL A 556 13.58 -18.88 -12.55
CA VAL A 556 14.94 -18.96 -13.08
C VAL A 556 15.24 -20.37 -13.59
N THR A 557 15.76 -20.46 -14.81
CA THR A 557 16.17 -21.73 -15.41
C THR A 557 17.61 -21.63 -15.89
N PHE A 558 18.23 -22.79 -16.05
CA PHE A 558 19.60 -22.86 -16.56
C PHE A 558 19.67 -24.07 -17.48
N ASN A 559 19.94 -23.82 -18.76
CA ASN A 559 20.00 -24.89 -19.76
C ASN A 559 18.73 -25.74 -19.78
N GLY A 560 17.58 -25.07 -19.62
CA GLY A 560 16.31 -25.77 -19.66
C GLY A 560 16.02 -26.61 -18.44
N MET A 561 16.77 -26.41 -17.35
CA MET A 561 16.60 -27.18 -16.13
C MET A 561 16.43 -26.25 -14.94
N ASN A 562 16.11 -26.84 -13.78
CA ASN A 562 15.87 -26.09 -12.57
C ASN A 562 17.18 -26.00 -11.79
N PRO A 563 17.78 -24.83 -11.65
CA PRO A 563 19.06 -24.73 -10.94
C PRO A 563 18.87 -24.82 -9.44
N ILE A 564 19.15 -26.01 -8.89
CA ILE A 564 18.92 -26.28 -7.48
C ILE A 564 20.15 -26.03 -6.62
N GLY A 565 21.21 -25.49 -7.22
CA GLY A 565 22.39 -25.18 -6.43
C GLY A 565 23.09 -26.43 -5.93
N ASN A 566 23.54 -26.39 -4.68
CA ASN A 566 24.21 -27.52 -4.08
C ASN A 566 23.34 -28.16 -2.99
#